data_4PUM
#
_entry.id   4PUM
#
_cell.length_a   89.690
_cell.length_b   64.660
_cell.length_c   70.770
_cell.angle_alpha   90.00
_cell.angle_beta   93.08
_cell.angle_gamma   90.00
#
_symmetry.space_group_name_H-M   'C 1 2 1'
#
loop_
_entity.id
_entity.type
_entity.pdbx_description
1 polymer 'Queuine tRNA-ribosyltransferase'
2 non-polymer 'ZINC ION'
3 non-polymer GLYCEROL
4 non-polymer 6-amino-2-(methylamino)-3,7-dihydro-8H-imidazo[4,5-g]quinazolin-8-one
5 water water
#
_entity_poly.entity_id   1
_entity_poly.type   'polypeptide(L)'
_entity_poly.pdbx_seq_one_letter_code
;GSMVEATAQETDRPRFSFSIAAREGKARTGTIEMKRGVIRTPAFMPVGTAATVKALKPETVRATGADIILGNTYHLMLRP
GAERIAKLGGLHSFMGWDRPILTDSGGYQVMSLSSLTKQSEEGVTFKSHLDGSRHMLSPERSIEIQHLLGSDIVMAFNEC
TPYPATPSRAASSMERSMRWAKRSRDAFDSRKEQAENAALFGIQQGSVFENLRQQSADALAEIGFDGYAVGGLAVGEGQD
EMFRVLDFSVPMLPDDKPHYLMGVGKPDDIVGAVERGIDMFDCVLPTRSGRNGQAFTWDGPINIRNARFSEDLKPLDSEC
HCAVCQKWSRAYIHHLIRAGEILGAMLMTEHNIAFYQQLMQKIRDSISEGRFSQFAQDFRARYFARNS
;
_entity_poly.pdbx_strand_id   A
#
loop_
_chem_comp.id
_chem_comp.type
_chem_comp.name
_chem_comp.formula
2WU non-polymer 6-amino-2-(methylamino)-3,7-dihydro-8H-imidazo[4,5-g]quinazolin-8-one 'C10 H10 N6 O'
GOL non-polymer GLYCEROL 'C3 H8 O3'
ZN non-polymer 'ZINC ION' 'Zn 2'
#
# COMPACT_ATOMS: atom_id res chain seq x y z
N ARG A 13 22.24 0.52 2.36
CA ARG A 13 23.38 0.08 1.55
C ARG A 13 23.09 -1.10 0.60
N PRO A 14 22.44 -2.18 1.08
CA PRO A 14 22.12 -3.25 0.12
C PRO A 14 20.94 -2.89 -0.79
N ARG A 15 20.85 -3.56 -1.94
CA ARG A 15 19.74 -3.39 -2.87
C ARG A 15 18.38 -3.71 -2.24
N PHE A 16 18.31 -4.89 -1.61
CA PHE A 16 17.09 -5.37 -0.96
C PHE A 16 17.47 -6.51 -0.03
N SER A 17 17.26 -6.32 1.27
CA SER A 17 17.53 -7.35 2.26
C SER A 17 16.43 -7.35 3.31
N PHE A 18 15.65 -8.42 3.34
CA PHE A 18 14.56 -8.55 4.30
C PHE A 18 15.03 -9.44 5.44
N SER A 19 14.87 -8.94 6.67
CA SER A 19 15.30 -9.67 7.84
C SER A 19 14.15 -9.70 8.85
N ILE A 20 13.77 -10.89 9.29
CA ILE A 20 12.74 -11.07 10.30
C ILE A 20 13.37 -11.17 11.70
N ALA A 21 13.06 -10.20 12.56
CA ALA A 21 13.65 -10.14 13.90
C ALA A 21 12.83 -10.92 14.92
N ALA A 22 11.51 -10.97 14.74
CA ALA A 22 10.66 -11.66 15.71
C ALA A 22 9.37 -12.14 15.10
N ARG A 23 8.78 -13.16 15.72
CA ARG A 23 7.54 -13.76 15.23
C ARG A 23 6.60 -14.06 16.37
N GLU A 24 5.31 -14.06 16.08
CA GLU A 24 4.30 -14.54 17.01
C GLU A 24 3.18 -15.12 16.17
N GLY A 25 3.00 -16.44 16.23
CA GLY A 25 2.09 -17.10 15.31
C GLY A 25 2.53 -16.84 13.89
N LYS A 26 1.61 -16.40 13.03
CA LYS A 26 1.98 -16.08 11.66
C LYS A 26 2.54 -14.67 11.53
N ALA A 27 2.43 -13.85 12.58
CA ALA A 27 2.90 -12.47 12.52
C ALA A 27 4.41 -12.35 12.58
N ARG A 28 4.96 -11.38 11.84
CA ARG A 28 6.39 -11.17 11.78
C ARG A 28 6.70 -9.69 11.92
N THR A 29 7.84 -9.38 12.50
CA THR A 29 8.30 -8.01 12.45
C THR A 29 9.76 -8.04 12.07
N GLY A 30 10.19 -7.02 11.35
CA GLY A 30 11.55 -7.05 10.83
C GLY A 30 11.86 -5.79 10.04
N THR A 31 12.81 -5.89 9.13
CA THR A 31 13.21 -4.73 8.37
C THR A 31 13.49 -5.11 6.93
N ILE A 32 13.23 -4.18 6.02
CA ILE A 32 13.76 -4.30 4.67
C ILE A 32 14.79 -3.21 4.49
N GLU A 33 16.03 -3.59 4.18
CA GLU A 33 17.05 -2.61 3.88
C GLU A 33 17.16 -2.41 2.39
N MET A 34 17.13 -1.16 1.96
CA MET A 34 17.24 -0.80 0.55
C MET A 34 18.23 0.36 0.47
N LYS A 35 18.70 0.69 -0.73
CA LYS A 35 19.70 1.74 -0.87
C LYS A 35 19.21 3.09 -0.34
N ARG A 36 17.93 3.37 -0.51
CA ARG A 36 17.41 4.67 -0.09
CA ARG A 36 17.39 4.67 -0.08
C ARG A 36 16.89 4.68 1.36
N GLY A 37 16.99 3.57 2.06
CA GLY A 37 16.55 3.56 3.45
C GLY A 37 16.03 2.24 3.98
N VAL A 38 15.83 2.22 5.30
CA VAL A 38 15.25 1.06 5.98
C VAL A 38 13.73 1.18 6.11
N ILE A 39 13.05 0.06 5.87
CA ILE A 39 11.61 -0.02 5.98
C ILE A 39 11.32 -0.98 7.12
N ARG A 40 10.68 -0.46 8.16
CA ARG A 40 10.31 -1.29 9.30
C ARG A 40 9.00 -2.00 9.00
N THR A 41 8.93 -3.30 9.27
CA THR A 41 7.76 -4.09 8.95
C THR A 41 7.18 -4.72 10.21
N PRO A 42 5.84 -4.87 10.29
CA PRO A 42 4.88 -4.46 9.26
C PRO A 42 4.86 -2.95 8.99
N ALA A 43 4.71 -2.58 7.72
CA ALA A 43 4.85 -1.20 7.29
C ALA A 43 3.55 -0.71 6.71
N PHE A 44 3.23 0.56 6.96
CA PHE A 44 2.16 1.21 6.22
C PHE A 44 2.71 2.24 5.27
N MET A 45 2.27 2.18 4.02
CA MET A 45 2.73 3.08 2.96
C MET A 45 1.64 4.09 2.63
N PRO A 46 1.87 5.36 2.97
CA PRO A 46 0.99 6.43 2.54
C PRO A 46 0.97 6.46 1.03
N VAL A 47 -0.19 6.77 0.45
CA VAL A 47 -0.33 6.74 -0.99
C VAL A 47 -0.12 8.13 -1.59
N GLY A 48 0.82 8.22 -2.53
CA GLY A 48 1.17 9.47 -3.18
C GLY A 48 0.90 9.39 -4.66
N THR A 49 -0.36 9.15 -5.00
CA THR A 49 -0.76 8.84 -6.38
C THR A 49 -0.34 9.87 -7.46
N ALA A 50 -0.58 11.15 -7.23
CA ALA A 50 -0.17 12.17 -8.20
C ALA A 50 1.20 12.81 -7.87
N ALA A 51 2.14 11.98 -7.42
CA ALA A 51 3.46 12.47 -6.96
C ALA A 51 3.35 13.45 -5.80
N THR A 52 2.32 13.27 -4.98
CA THR A 52 2.24 13.95 -3.68
C THR A 52 1.37 13.13 -2.77
N VAL A 53 1.76 13.02 -1.50
CA VAL A 53 0.85 12.46 -0.48
C VAL A 53 -0.02 13.66 -0.15
N LYS A 54 -1.31 13.56 -0.47
CA LYS A 54 -2.16 14.73 -0.54
C LYS A 54 -2.15 15.58 0.73
N ALA A 55 -1.87 16.86 0.54
CA ALA A 55 -1.90 17.88 1.60
C ALA A 55 -0.74 17.81 2.58
N LEU A 56 0.28 17.00 2.27
CA LEU A 56 1.47 16.85 3.12
C LEU A 56 2.79 17.11 2.38
N LYS A 57 3.67 17.90 2.97
CA LYS A 57 5.06 17.94 2.49
C LYS A 57 5.72 16.61 2.80
N PRO A 58 6.68 16.19 1.97
CA PRO A 58 7.44 14.97 2.26
C PRO A 58 8.05 14.96 3.65
N GLU A 59 8.58 16.09 4.12
CA GLU A 59 9.21 16.11 5.44
C GLU A 59 8.17 15.75 6.52
N THR A 60 6.92 16.13 6.27
CA THR A 60 5.82 15.84 7.20
C THR A 60 5.42 14.37 7.15
N VAL A 61 5.34 13.83 5.94
CA VAL A 61 5.14 12.39 5.78
C VAL A 61 6.20 11.64 6.56
N ARG A 62 7.46 12.07 6.45
CA ARG A 62 8.52 11.39 7.16
C ARG A 62 8.37 11.59 8.67
N ALA A 63 7.99 12.79 9.09
CA ALA A 63 7.80 13.08 10.52
C ALA A 63 6.77 12.17 11.18
N THR A 64 5.75 11.74 10.42
CA THR A 64 4.72 10.85 10.98
C THR A 64 5.25 9.45 11.22
N GLY A 65 6.39 9.14 10.62
CA GLY A 65 7.01 7.84 10.78
C GLY A 65 7.07 6.99 9.52
N ALA A 66 6.55 7.47 8.41
CA ALA A 66 6.57 6.65 7.18
C ALA A 66 7.99 6.37 6.72
N ASP A 67 8.27 5.12 6.33
CA ASP A 67 9.59 4.75 5.82
C ASP A 67 9.59 4.66 4.29
N ILE A 68 8.39 4.58 3.74
CA ILE A 68 8.22 4.33 2.30
C ILE A 68 6.81 4.79 1.91
N ILE A 69 6.67 5.27 0.67
CA ILE A 69 5.38 5.72 0.17
C ILE A 69 5.10 4.99 -1.12
N LEU A 70 3.85 5.01 -1.55
CA LEU A 70 3.44 4.34 -2.78
C LEU A 70 3.16 5.35 -3.90
N GLY A 71 3.64 5.05 -5.10
CA GLY A 71 3.29 5.81 -6.28
C GLY A 71 2.52 4.95 -7.28
N ASN A 72 1.99 5.57 -8.32
CA ASN A 72 1.21 4.81 -9.30
C ASN A 72 1.69 4.97 -10.74
N THR A 73 2.01 3.85 -11.38
CA THR A 73 2.41 3.85 -12.78
C THR A 73 1.32 4.47 -13.63
N TYR A 74 0.08 4.06 -13.39
CA TYR A 74 -1.05 4.53 -14.17
C TYR A 74 -1.20 6.06 -14.19
N HIS A 75 -1.25 6.68 -13.01
CA HIS A 75 -1.49 8.12 -12.97
C HIS A 75 -0.30 8.92 -13.49
N LEU A 76 0.90 8.50 -13.12
CA LEU A 76 2.11 9.24 -13.45
C LEU A 76 2.46 9.16 -14.94
N MET A 77 2.07 8.08 -15.60
CA MET A 77 2.40 7.91 -17.00
C MET A 77 1.54 8.85 -17.86
N LEU A 78 0.39 9.22 -17.31
CA LEU A 78 -0.51 10.17 -17.97
C LEU A 78 -0.11 11.59 -17.63
N ARG A 79 0.11 11.84 -16.34
CA ARG A 79 0.41 13.18 -15.86
C ARG A 79 1.35 13.10 -14.67
N PRO A 80 2.55 13.69 -14.80
CA PRO A 80 3.04 14.49 -15.93
C PRO A 80 3.70 13.70 -17.06
N GLY A 81 3.71 12.37 -16.98
CA GLY A 81 4.41 11.56 -17.96
C GLY A 81 5.70 10.96 -17.42
N ALA A 82 5.98 9.72 -17.79
CA ALA A 82 7.13 9.01 -17.24
C ALA A 82 8.45 9.53 -17.80
N GLU A 83 8.52 9.74 -19.10
CA GLU A 83 9.73 10.27 -19.72
C GLU A 83 10.00 11.67 -19.19
N ARG A 84 8.96 12.47 -19.03
CA ARG A 84 9.11 13.79 -18.45
C ARG A 84 9.73 13.73 -17.03
N ILE A 85 9.17 12.88 -16.18
CA ILE A 85 9.72 12.70 -14.84
C ILE A 85 11.18 12.25 -14.86
N ALA A 86 11.50 11.32 -15.74
CA ALA A 86 12.89 10.88 -15.86
C ALA A 86 13.77 12.06 -16.25
N LYS A 87 13.30 12.84 -17.21
CA LYS A 87 14.08 13.98 -17.68
C LYS A 87 14.29 15.00 -16.56
N LEU A 88 13.33 15.07 -15.66
CA LEU A 88 13.41 16.00 -14.53
C LEU A 88 14.21 15.41 -13.38
N GLY A 89 14.74 14.20 -13.58
CA GLY A 89 15.64 13.60 -12.61
C GLY A 89 15.05 12.49 -11.76
N GLY A 90 13.86 12.00 -12.11
CA GLY A 90 13.28 10.86 -11.42
C GLY A 90 12.25 11.29 -10.38
N LEU A 91 11.38 10.37 -9.97
CA LEU A 91 10.26 10.70 -9.05
C LEU A 91 10.75 11.24 -7.70
N HIS A 92 11.78 10.61 -7.11
CA HIS A 92 12.30 11.04 -5.82
C HIS A 92 12.66 12.51 -5.83
N SER A 93 13.45 12.90 -6.82
CA SER A 93 13.89 14.28 -6.97
C SER A 93 12.71 15.20 -7.27
N PHE A 94 11.84 14.77 -8.19
CA PHE A 94 10.69 15.56 -8.61
C PHE A 94 9.84 16.01 -7.41
N MET A 95 9.47 15.06 -6.55
CA MET A 95 8.55 15.35 -5.47
C MET A 95 9.24 15.61 -4.12
N GLY A 96 10.56 15.43 -4.09
CA GLY A 96 11.32 15.69 -2.89
C GLY A 96 11.20 14.66 -1.79
N TRP A 97 11.02 13.40 -2.17
CA TRP A 97 11.03 12.30 -1.21
C TRP A 97 12.23 11.43 -1.55
N ASP A 98 13.21 11.36 -0.65
CA ASP A 98 14.49 10.71 -0.99
C ASP A 98 14.59 9.28 -0.47
N ARG A 99 13.51 8.78 0.11
CA ARG A 99 13.45 7.44 0.71
C ARG A 99 12.77 6.46 -0.26
N PRO A 100 12.62 5.17 0.13
CA PRO A 100 12.03 4.24 -0.84
C PRO A 100 10.62 4.60 -1.33
N ILE A 101 10.35 4.25 -2.59
CA ILE A 101 9.01 4.40 -3.16
C ILE A 101 8.64 3.10 -3.85
N LEU A 102 7.48 2.55 -3.52
CA LEU A 102 6.96 1.39 -4.24
C LEU A 102 5.96 1.93 -5.25
N THR A 103 6.04 1.45 -6.49
CA THR A 103 5.06 1.84 -7.50
C THR A 103 4.20 0.67 -7.92
N ASP A 104 2.89 0.84 -7.90
CA ASP A 104 2.00 -0.17 -8.44
C ASP A 104 2.16 -0.16 -9.96
N SER A 105 1.78 -1.25 -10.60
CA SER A 105 2.21 -1.50 -11.98
C SER A 105 1.23 -0.99 -13.05
N GLY A 106 0.06 -0.54 -12.61
CA GLY A 106 -0.91 0.01 -13.53
C GLY A 106 -2.09 -0.91 -13.76
N GLY A 107 -1.89 -2.19 -13.46
CA GLY A 107 -2.84 -3.23 -13.80
C GLY A 107 -4.21 -3.07 -13.17
N TYR A 108 -4.22 -2.60 -11.92
CA TYR A 108 -5.47 -2.43 -11.19
C TYR A 108 -6.16 -1.13 -11.57
N GLN A 109 -5.37 -0.07 -11.69
CA GLN A 109 -5.94 1.26 -11.93
C GLN A 109 -6.45 1.37 -13.35
N VAL A 110 -5.79 0.67 -14.28
CA VAL A 110 -6.23 0.71 -15.66
C VAL A 110 -7.63 0.10 -15.81
N MET A 111 -7.97 -0.82 -14.91
CA MET A 111 -9.25 -1.52 -15.00
C MET A 111 -10.37 -0.76 -14.27
N SER A 112 -10.02 -0.01 -13.23
CA SER A 112 -11.03 0.70 -12.45
C SER A 112 -11.11 2.20 -12.76
N LEU A 113 -10.15 2.71 -13.52
CA LEU A 113 -10.17 4.14 -13.84
C LEU A 113 -10.35 4.48 -15.33
N SER A 114 -9.92 3.58 -16.22
CA SER A 114 -9.97 3.86 -17.65
C SER A 114 -11.38 3.75 -18.23
N SER A 115 -11.79 4.78 -18.97
CA SER A 115 -13.13 4.87 -19.53
C SER A 115 -13.43 3.71 -20.47
N LEU A 116 -12.42 3.31 -21.25
CA LEU A 116 -12.55 2.18 -22.14
C LEU A 116 -11.30 1.30 -22.04
N THR A 117 -11.46 0.01 -22.30
CA THR A 117 -10.39 -0.95 -22.08
C THR A 117 -10.43 -2.09 -23.11
N LYS A 118 -9.26 -2.47 -23.62
CA LYS A 118 -9.15 -3.62 -24.51
C LYS A 118 -7.99 -4.54 -24.09
N GLN A 119 -8.34 -5.76 -23.67
CA GLN A 119 -7.36 -6.69 -23.10
C GLN A 119 -6.94 -7.80 -24.08
N SER A 120 -5.67 -8.15 -24.07
CA SER A 120 -5.16 -9.24 -24.89
C SER A 120 -3.94 -9.86 -24.22
N GLU A 121 -3.32 -10.83 -24.88
CA GLU A 121 -2.14 -11.47 -24.32
C GLU A 121 -0.98 -10.46 -24.28
N GLU A 122 -0.97 -9.55 -25.24
CA GLU A 122 0.02 -8.48 -25.32
C GLU A 122 -0.02 -7.59 -24.08
N GLY A 123 -1.22 -7.19 -23.68
CA GLY A 123 -1.39 -6.27 -22.56
C GLY A 123 -2.75 -5.59 -22.64
N VAL A 124 -2.83 -4.37 -22.12
CA VAL A 124 -4.07 -3.60 -22.12
C VAL A 124 -3.93 -2.31 -22.93
N THR A 125 -4.86 -2.05 -23.85
CA THR A 125 -4.96 -0.73 -24.46
C THR A 125 -6.14 -0.01 -23.82
N PHE A 126 -6.02 1.29 -23.59
CA PHE A 126 -7.03 2.02 -22.82
C PHE A 126 -7.11 3.52 -23.10
N LYS A 127 -8.23 4.12 -22.74
CA LYS A 127 -8.45 5.55 -22.95
C LYS A 127 -8.23 6.33 -21.65
N SER A 128 -7.50 7.44 -21.75
CA SER A 128 -7.20 8.27 -20.58
C SER A 128 -8.43 9.01 -20.07
N HIS A 129 -8.66 8.90 -18.77
CA HIS A 129 -9.78 9.58 -18.13
C HIS A 129 -9.57 11.09 -18.11
N SER A 133 -7.57 10.29 -24.83
CA SER A 133 -6.18 9.93 -25.11
C SER A 133 -5.97 8.42 -24.99
N ARG A 134 -5.36 7.83 -26.01
CA ARG A 134 -5.15 6.38 -26.05
C ARG A 134 -3.76 5.98 -25.56
N HIS A 135 -3.71 4.90 -24.79
CA HIS A 135 -2.44 4.44 -24.23
C HIS A 135 -2.36 2.91 -24.15
N MET A 136 -1.13 2.40 -24.05
CA MET A 136 -0.91 0.97 -23.96
C MET A 136 -0.17 0.64 -22.67
N LEU A 137 -0.52 -0.50 -22.08
CA LEU A 137 0.24 -1.03 -20.97
C LEU A 137 0.50 -2.50 -21.23
N SER A 138 1.71 -2.95 -20.89
CA SER A 138 2.13 -4.32 -21.06
C SER A 138 3.16 -4.58 -19.96
N PRO A 139 3.52 -5.85 -19.72
CA PRO A 139 4.55 -6.04 -18.69
C PRO A 139 5.81 -5.24 -19.01
N GLU A 140 6.24 -5.28 -20.27
CA GLU A 140 7.45 -4.58 -20.67
C GLU A 140 7.34 -3.05 -20.49
N ARG A 141 6.23 -2.48 -20.93
CA ARG A 141 6.02 -1.03 -20.81
C ARG A 141 5.87 -0.60 -19.36
N SER A 142 5.21 -1.42 -18.56
CA SER A 142 4.99 -1.11 -17.14
C SER A 142 6.33 -1.07 -16.42
N ILE A 143 7.14 -2.10 -16.63
CA ILE A 143 8.47 -2.14 -16.03
C ILE A 143 9.32 -0.94 -16.45
N GLU A 144 9.29 -0.61 -17.74
CA GLU A 144 10.02 0.55 -18.26
C GLU A 144 9.57 1.86 -17.63
N ILE A 145 8.26 2.05 -17.49
CA ILE A 145 7.74 3.24 -16.83
C ILE A 145 8.26 3.34 -15.39
N GLN A 146 8.24 2.23 -14.68
CA GLN A 146 8.72 2.24 -13.30
C GLN A 146 10.22 2.49 -13.23
N HIS A 147 10.96 1.99 -14.22
CA HIS A 147 12.37 2.31 -14.33
C HIS A 147 12.53 3.82 -14.52
N LEU A 148 11.78 4.38 -15.47
CA LEU A 148 11.85 5.82 -15.73
C LEU A 148 11.51 6.65 -14.48
N LEU A 149 10.51 6.21 -13.73
CA LEU A 149 10.14 6.88 -12.50
C LEU A 149 11.23 6.76 -11.44
N GLY A 150 11.98 5.68 -11.52
CA GLY A 150 13.05 5.42 -10.56
C GLY A 150 12.54 4.78 -9.28
N SER A 151 11.48 3.98 -9.39
CA SER A 151 10.93 3.27 -8.23
C SER A 151 11.94 2.34 -7.61
N ASP A 152 11.89 2.23 -6.28
CA ASP A 152 12.73 1.30 -5.55
C ASP A 152 12.13 -0.10 -5.49
N ILE A 153 10.81 -0.18 -5.31
CA ILE A 153 10.13 -1.47 -5.37
C ILE A 153 9.16 -1.42 -6.53
N VAL A 154 9.42 -2.29 -7.51
CA VAL A 154 8.68 -2.33 -8.75
C VAL A 154 7.69 -3.50 -8.67
N MET A 155 6.43 -3.25 -9.04
CA MET A 155 5.41 -4.31 -9.03
C MET A 155 5.31 -4.95 -10.43
N ALA A 156 5.20 -6.27 -10.49
CA ALA A 156 4.93 -6.94 -11.75
C ALA A 156 3.61 -6.45 -12.33
N PHE A 157 3.52 -6.41 -13.66
CA PHE A 157 2.27 -5.99 -14.28
C PHE A 157 1.36 -7.19 -14.32
N ASN A 158 0.09 -6.98 -13.98
CA ASN A 158 -0.83 -8.08 -13.80
C ASN A 158 -2.23 -7.66 -14.16
N GLU A 159 -3.16 -8.59 -14.00
CA GLU A 159 -4.58 -8.31 -14.08
C GLU A 159 -5.20 -8.54 -12.71
N CYS A 160 -5.99 -7.57 -12.22
CA CYS A 160 -6.75 -7.77 -11.00
C CYS A 160 -8.10 -8.37 -11.38
N THR A 161 -8.33 -9.62 -10.99
CA THR A 161 -9.58 -10.30 -11.29
C THR A 161 -10.75 -9.57 -10.64
N PRO A 162 -11.79 -9.27 -11.42
CA PRO A 162 -13.02 -8.69 -10.87
C PRO A 162 -13.66 -9.65 -9.86
N TYR A 163 -14.27 -9.09 -8.82
CA TYR A 163 -14.99 -9.90 -7.84
C TYR A 163 -16.48 -9.57 -7.92
N PRO A 164 -17.34 -10.61 -7.94
CA PRO A 164 -16.97 -12.03 -7.95
C PRO A 164 -16.54 -12.54 -9.32
N ALA A 165 -16.00 -13.75 -9.35
CA ALA A 165 -15.59 -14.38 -10.60
C ALA A 165 -15.78 -15.89 -10.52
N THR A 166 -16.18 -16.51 -11.63
CA THR A 166 -16.29 -17.95 -11.67
C THR A 166 -14.90 -18.54 -11.48
N PRO A 167 -14.80 -19.81 -11.09
CA PRO A 167 -13.47 -20.41 -10.96
C PRO A 167 -12.75 -20.40 -12.31
N SER A 168 -13.49 -20.61 -13.39
CA SER A 168 -12.91 -20.65 -14.72
C SER A 168 -12.37 -19.28 -15.16
N ARG A 169 -13.11 -18.22 -14.86
CA ARG A 169 -12.67 -16.87 -15.22
C ARG A 169 -11.49 -16.43 -14.36
N ALA A 170 -11.52 -16.82 -13.09
CA ALA A 170 -10.43 -16.49 -12.20
C ALA A 170 -9.17 -17.22 -12.65
N ALA A 171 -9.35 -18.46 -13.10
CA ALA A 171 -8.24 -19.28 -13.55
C ALA A 171 -7.52 -18.67 -14.76
N SER A 172 -8.28 -18.38 -15.82
CA SER A 172 -7.68 -17.81 -17.01
C SER A 172 -7.04 -16.46 -16.71
N SER A 173 -7.69 -15.66 -15.88
CA SER A 173 -7.14 -14.37 -15.50
C SER A 173 -5.83 -14.52 -14.72
N MET A 174 -5.83 -15.45 -13.76
CA MET A 174 -4.64 -15.69 -12.95
C MET A 174 -3.49 -16.19 -13.83
N GLU A 175 -3.79 -17.11 -14.73
CA GLU A 175 -2.77 -17.68 -15.60
C GLU A 175 -2.12 -16.61 -16.49
N ARG A 176 -2.92 -15.73 -17.07
CA ARG A 176 -2.37 -14.62 -17.84
C ARG A 176 -1.48 -13.73 -16.97
N SER A 177 -1.92 -13.41 -15.76
CA SER A 177 -1.10 -12.66 -14.82
C SER A 177 0.25 -13.35 -14.57
N MET A 178 0.22 -14.67 -14.44
CA MET A 178 1.46 -15.40 -14.18
C MET A 178 2.38 -15.36 -15.42
N ARG A 179 1.80 -15.40 -16.60
CA ARG A 179 2.61 -15.22 -17.82
C ARG A 179 3.22 -13.81 -17.84
N TRP A 180 2.42 -12.82 -17.50
CA TRP A 180 2.88 -11.43 -17.43
C TRP A 180 3.93 -11.22 -16.32
N ALA A 181 3.81 -11.99 -15.25
CA ALA A 181 4.80 -11.93 -14.18
C ALA A 181 6.18 -12.40 -14.68
N LYS A 182 6.21 -13.47 -15.46
CA LYS A 182 7.46 -13.92 -16.06
C LYS A 182 8.05 -12.83 -16.96
N ARG A 183 7.20 -12.22 -17.79
CA ARG A 183 7.67 -11.16 -18.70
C ARG A 183 8.15 -9.92 -17.93
N SER A 184 7.50 -9.64 -16.81
CA SER A 184 7.91 -8.52 -15.96
C SER A 184 9.29 -8.76 -15.39
N ARG A 185 9.49 -9.96 -14.87
CA ARG A 185 10.77 -10.44 -14.36
C ARG A 185 11.85 -10.27 -15.42
N ASP A 186 11.58 -10.76 -16.62
CA ASP A 186 12.56 -10.69 -17.72
C ASP A 186 12.88 -9.25 -18.12
N ALA A 187 11.85 -8.41 -18.22
CA ALA A 187 12.06 -7.01 -18.58
C ALA A 187 12.87 -6.26 -17.52
N PHE A 188 12.55 -6.54 -16.26
CA PHE A 188 13.25 -5.94 -15.12
C PHE A 188 14.72 -6.38 -15.15
N ASP A 189 14.95 -7.69 -15.30
CA ASP A 189 16.31 -8.24 -15.31
C ASP A 189 17.14 -7.75 -16.50
N SER A 190 16.47 -7.40 -17.59
CA SER A 190 17.13 -6.89 -18.79
C SER A 190 17.69 -5.50 -18.60
N ARG A 191 17.14 -4.77 -17.63
CA ARG A 191 17.58 -3.42 -17.34
C ARG A 191 18.56 -3.42 -16.16
N LYS A 192 19.85 -3.41 -16.50
CA LYS A 192 20.93 -3.59 -15.53
C LYS A 192 20.83 -2.64 -14.34
N GLU A 193 20.56 -1.38 -14.62
CA GLU A 193 20.50 -0.35 -13.59
C GLU A 193 19.30 -0.56 -12.67
N GLN A 194 18.23 -1.12 -13.21
CA GLN A 194 17.05 -1.41 -12.41
C GLN A 194 17.31 -2.64 -11.54
N ALA A 195 17.89 -3.67 -12.15
CA ALA A 195 18.15 -4.93 -11.46
C ALA A 195 19.14 -4.74 -10.32
N GLU A 196 20.08 -3.82 -10.50
CA GLU A 196 21.10 -3.55 -9.50
C GLU A 196 20.61 -2.70 -8.32
N ASN A 197 19.63 -1.83 -8.57
CA ASN A 197 19.25 -0.83 -7.57
C ASN A 197 17.84 -0.93 -7.02
N ALA A 198 16.97 -1.64 -7.73
CA ALA A 198 15.57 -1.75 -7.32
C ALA A 198 15.23 -3.20 -6.99
N ALA A 199 14.01 -3.43 -6.53
CA ALA A 199 13.53 -4.76 -6.23
C ALA A 199 12.23 -4.99 -6.98
N LEU A 200 11.88 -6.25 -7.18
CA LEU A 200 10.72 -6.61 -7.97
C LEU A 200 9.81 -7.53 -7.17
N PHE A 201 8.53 -7.18 -7.05
CA PHE A 201 7.56 -8.00 -6.34
C PHE A 201 6.62 -8.67 -7.32
N GLY A 202 6.27 -9.93 -7.08
CA GLY A 202 5.24 -10.60 -7.87
C GLY A 202 3.89 -10.40 -7.20
N ILE A 203 2.81 -10.59 -7.95
CA ILE A 203 1.46 -10.45 -7.40
C ILE A 203 0.66 -11.75 -7.55
N GLN A 204 0.31 -12.34 -6.43
CA GLN A 204 -0.54 -13.52 -6.39
C GLN A 204 -1.97 -13.19 -6.79
N GLN A 205 -2.56 -14.03 -7.63
CA GLN A 205 -3.97 -13.89 -7.99
C GLN A 205 -4.67 -15.20 -7.73
N GLY A 206 -5.88 -15.36 -8.26
CA GLY A 206 -6.65 -16.57 -8.02
C GLY A 206 -7.95 -16.32 -7.27
N SER A 207 -8.30 -15.05 -7.07
CA SER A 207 -9.60 -14.70 -6.50
C SER A 207 -9.76 -15.28 -5.09
N VAL A 208 -10.90 -15.92 -4.82
CA VAL A 208 -11.14 -16.50 -3.50
C VAL A 208 -10.92 -18.00 -3.47
N PHE A 209 -10.33 -18.54 -4.53
CA PHE A 209 -10.23 -19.98 -4.68
C PHE A 209 -8.86 -20.51 -4.28
N GLU A 210 -8.85 -21.46 -3.36
CA GLU A 210 -7.61 -21.98 -2.78
C GLU A 210 -6.68 -22.63 -3.80
N ASN A 211 -7.24 -23.45 -4.69
CA ASN A 211 -6.38 -24.14 -5.64
C ASN A 211 -5.71 -23.16 -6.61
N LEU A 212 -6.40 -22.08 -6.94
CA LEU A 212 -5.86 -21.09 -7.88
C LEU A 212 -4.80 -20.23 -7.21
N ARG A 213 -5.05 -19.86 -5.96
CA ARG A 213 -4.06 -19.15 -5.15
C ARG A 213 -2.78 -19.96 -5.06
N GLN A 214 -2.91 -21.28 -4.90
CA GLN A 214 -1.76 -22.16 -4.81
C GLN A 214 -0.96 -22.20 -6.11
N GLN A 215 -1.65 -22.43 -7.22
CA GLN A 215 -1.00 -22.46 -8.53
C GLN A 215 -0.30 -21.12 -8.78
N SER A 216 -0.99 -20.04 -8.43
CA SER A 216 -0.40 -18.71 -8.57
C SER A 216 0.88 -18.57 -7.75
N ALA A 217 0.81 -18.95 -6.48
CA ALA A 217 1.99 -18.88 -5.62
C ALA A 217 3.14 -19.75 -6.16
N ASP A 218 2.80 -20.96 -6.61
CA ASP A 218 3.81 -21.85 -7.19
C ASP A 218 4.48 -21.20 -8.41
N ALA A 219 3.67 -20.61 -9.28
CA ALA A 219 4.19 -19.92 -10.46
C ALA A 219 5.12 -18.77 -10.09
N LEU A 220 4.71 -17.99 -9.10
CA LEU A 220 5.52 -16.85 -8.68
C LEU A 220 6.84 -17.31 -8.09
N ALA A 221 6.78 -18.33 -7.25
CA ALA A 221 7.97 -18.80 -6.56
C ALA A 221 8.95 -19.42 -7.54
N GLU A 222 8.42 -20.03 -8.60
CA GLU A 222 9.26 -20.67 -9.61
C GLU A 222 10.02 -19.61 -10.39
N ILE A 223 9.35 -18.48 -10.66
CA ILE A 223 10.00 -17.35 -11.31
C ILE A 223 11.00 -16.70 -10.35
N GLY A 224 10.55 -16.44 -9.13
CA GLY A 224 11.40 -15.91 -8.08
C GLY A 224 11.30 -14.40 -8.01
N PHE A 225 10.91 -13.89 -6.85
CA PHE A 225 10.74 -12.46 -6.66
C PHE A 225 11.34 -12.01 -5.32
N ASP A 226 11.54 -10.70 -5.17
CA ASP A 226 12.10 -10.16 -3.93
C ASP A 226 11.02 -10.09 -2.87
N GLY A 227 9.79 -9.95 -3.30
CA GLY A 227 8.66 -9.92 -2.39
C GLY A 227 7.42 -10.41 -3.11
N TYR A 228 6.36 -10.67 -2.34
CA TYR A 228 5.17 -11.26 -2.90
C TYR A 228 3.95 -10.53 -2.37
N ALA A 229 3.14 -10.02 -3.29
CA ALA A 229 1.92 -9.34 -2.91
C ALA A 229 0.73 -10.28 -3.04
N VAL A 230 -0.23 -10.09 -2.15
CA VAL A 230 -1.52 -10.74 -2.31
C VAL A 230 -2.41 -9.74 -3.02
N GLY A 231 -2.66 -9.97 -4.30
CA GLY A 231 -3.55 -9.09 -5.05
C GLY A 231 -4.97 -9.64 -5.08
N GLY A 232 -5.86 -8.92 -5.76
CA GLY A 232 -7.21 -9.42 -5.99
C GLY A 232 -8.12 -9.41 -4.78
N LEU A 233 -7.67 -8.75 -3.70
CA LEU A 233 -8.50 -8.57 -2.52
C LEU A 233 -8.79 -7.09 -2.31
N ALA A 234 -9.58 -6.78 -1.28
CA ALA A 234 -10.10 -5.43 -1.10
C ALA A 234 -10.76 -4.97 -2.39
N VAL A 235 -11.64 -5.81 -2.92
CA VAL A 235 -12.35 -5.52 -4.16
C VAL A 235 -13.85 -5.74 -3.99
N GLY A 236 -14.32 -5.63 -2.75
CA GLY A 236 -15.73 -5.76 -2.45
C GLY A 236 -16.09 -7.01 -1.65
N GLU A 237 -15.12 -7.87 -1.38
CA GLU A 237 -15.40 -9.17 -0.75
C GLU A 237 -15.79 -9.12 0.73
N GLY A 238 -15.47 -8.02 1.42
CA GLY A 238 -15.75 -7.91 2.84
C GLY A 238 -14.65 -8.54 3.68
N GLN A 239 -14.53 -8.11 4.95
CA GLN A 239 -13.41 -8.55 5.79
C GLN A 239 -13.39 -10.07 6.05
N ASP A 240 -14.56 -10.63 6.36
CA ASP A 240 -14.69 -12.07 6.61
C ASP A 240 -14.07 -12.89 5.48
N GLU A 241 -14.51 -12.62 4.25
CA GLU A 241 -14.00 -13.31 3.07
C GLU A 241 -12.52 -13.07 2.85
N MET A 242 -12.11 -11.81 3.02
CA MET A 242 -10.71 -11.44 2.84
C MET A 242 -9.82 -12.22 3.79
N PHE A 243 -10.23 -12.27 5.05
CA PHE A 243 -9.49 -13.00 6.06
C PHE A 243 -9.43 -14.49 5.72
N ARG A 244 -10.54 -15.03 5.22
CA ARG A 244 -10.61 -16.44 4.88
C ARG A 244 -9.58 -16.77 3.81
N VAL A 245 -9.50 -15.91 2.80
CA VAL A 245 -8.58 -16.11 1.69
C VAL A 245 -7.14 -15.97 2.17
N LEU A 246 -6.88 -14.96 3.00
CA LEU A 246 -5.57 -14.76 3.59
C LEU A 246 -5.12 -15.96 4.41
N ASP A 247 -6.06 -16.58 5.12
CA ASP A 247 -5.75 -17.73 5.98
C ASP A 247 -4.97 -18.78 5.24
N PHE A 248 -5.43 -19.13 4.04
CA PHE A 248 -4.73 -20.13 3.24
C PHE A 248 -3.71 -19.59 2.24
N SER A 249 -3.89 -18.34 1.81
CA SER A 249 -3.05 -17.80 0.73
C SER A 249 -1.66 -17.38 1.19
N VAL A 250 -1.58 -16.68 2.33
CA VAL A 250 -0.29 -16.22 2.81
C VAL A 250 0.70 -17.36 3.09
N PRO A 251 0.23 -18.47 3.71
CA PRO A 251 1.21 -19.54 3.91
C PRO A 251 1.73 -20.16 2.62
N MET A 252 1.10 -19.86 1.49
CA MET A 252 1.57 -20.41 0.20
C MET A 252 2.78 -19.64 -0.31
N LEU A 253 2.93 -18.42 0.17
CA LEU A 253 4.01 -17.56 -0.29
C LEU A 253 5.30 -17.95 0.42
N PRO A 254 6.45 -17.65 -0.18
CA PRO A 254 7.72 -17.91 0.51
C PRO A 254 7.74 -17.19 1.86
N ASP A 255 8.08 -17.93 2.91
CA ASP A 255 8.08 -17.38 4.26
C ASP A 255 9.17 -16.30 4.41
N ASP A 256 10.26 -16.46 3.67
CA ASP A 256 11.46 -15.62 3.84
C ASP A 256 11.47 -14.32 3.06
N LYS A 257 10.36 -14.00 2.39
CA LYS A 257 10.24 -12.77 1.63
C LYS A 257 9.08 -11.95 2.17
N PRO A 258 9.13 -10.63 1.99
CA PRO A 258 8.01 -9.80 2.44
C PRO A 258 6.69 -10.16 1.76
N HIS A 259 5.60 -9.98 2.51
CA HIS A 259 4.24 -10.24 2.05
C HIS A 259 3.44 -8.93 2.07
N TYR A 260 2.98 -8.49 0.90
CA TYR A 260 2.37 -7.19 0.72
C TYR A 260 0.89 -7.36 0.40
N LEU A 261 -0.01 -6.87 1.26
CA LEU A 261 -1.43 -6.90 0.94
C LEU A 261 -1.89 -5.60 0.29
N MET A 262 -2.22 -5.66 -1.00
CA MET A 262 -2.47 -4.43 -1.77
C MET A 262 -3.83 -3.79 -1.47
N GLY A 263 -3.81 -2.49 -1.16
CA GLY A 263 -5.05 -1.73 -1.02
C GLY A 263 -5.77 -1.88 0.30
N VAL A 264 -5.08 -2.40 1.31
CA VAL A 264 -5.68 -2.60 2.63
C VAL A 264 -4.87 -1.80 3.65
N GLY A 265 -5.51 -1.04 4.55
CA GLY A 265 -6.95 -0.91 4.64
C GLY A 265 -7.27 -0.25 5.97
N LYS A 266 -8.46 -0.51 6.48
CA LYS A 266 -8.91 0.03 7.78
C LYS A 266 -8.05 -0.57 8.89
N PRO A 267 -7.92 0.12 10.04
CA PRO A 267 -7.06 -0.37 11.12
C PRO A 267 -7.31 -1.82 11.51
N ASP A 268 -8.57 -2.21 11.66
CA ASP A 268 -8.89 -3.59 12.03
C ASP A 268 -8.45 -4.59 10.95
N ASP A 269 -8.58 -4.20 9.69
CA ASP A 269 -8.13 -5.03 8.57
C ASP A 269 -6.61 -5.24 8.67
N ILE A 270 -5.89 -4.18 8.98
CA ILE A 270 -4.44 -4.24 9.10
C ILE A 270 -4.03 -5.21 10.20
N VAL A 271 -4.62 -5.05 11.38
CA VAL A 271 -4.30 -5.91 12.50
C VAL A 271 -4.57 -7.38 12.16
N GLY A 272 -5.75 -7.68 11.63
CA GLY A 272 -6.10 -9.04 11.25
C GLY A 272 -5.18 -9.59 10.16
N ALA A 273 -4.78 -8.73 9.23
CA ALA A 273 -3.88 -9.15 8.16
C ALA A 273 -2.48 -9.47 8.68
N VAL A 274 -2.01 -8.71 9.67
CA VAL A 274 -0.72 -8.98 10.29
C VAL A 274 -0.77 -10.32 11.02
N GLU A 275 -1.90 -10.59 11.69
CA GLU A 275 -2.13 -11.88 12.37
C GLU A 275 -2.07 -13.06 11.39
N ARG A 276 -2.16 -12.76 10.11
CA ARG A 276 -2.18 -13.78 9.07
C ARG A 276 -0.92 -13.75 8.18
N GLY A 277 0.07 -12.95 8.58
CA GLY A 277 1.37 -12.99 7.95
C GLY A 277 1.72 -11.88 6.97
N ILE A 278 0.89 -10.84 6.92
CA ILE A 278 1.17 -9.70 6.04
C ILE A 278 2.20 -8.73 6.62
N ASP A 279 3.14 -8.27 5.81
CA ASP A 279 4.20 -7.35 6.25
C ASP A 279 4.06 -5.93 5.72
N MET A 280 3.23 -5.72 4.70
CA MET A 280 3.17 -4.42 4.04
C MET A 280 1.76 -4.08 3.61
N PHE A 281 1.42 -2.80 3.70
CA PHE A 281 0.08 -2.29 3.48
C PHE A 281 0.12 -0.94 2.80
N ASP A 282 -0.91 -0.65 2.00
CA ASP A 282 -1.14 0.71 1.49
C ASP A 282 -2.65 0.92 1.39
N CYS A 283 -3.10 2.13 1.68
CA CYS A 283 -4.51 2.49 1.50
CA CYS A 283 -4.48 2.50 1.38
C CYS A 283 -4.64 4.00 1.44
N VAL A 284 -5.64 4.50 0.71
CA VAL A 284 -5.90 5.94 0.64
C VAL A 284 -6.79 6.38 1.78
N LEU A 285 -7.31 5.41 2.54
CA LEU A 285 -8.24 5.71 3.64
C LEU A 285 -7.81 6.85 4.60
N PRO A 286 -6.58 6.78 5.17
CA PRO A 286 -6.22 7.85 6.12
C PRO A 286 -6.13 9.24 5.48
N THR A 287 -5.63 9.31 4.25
CA THR A 287 -5.54 10.60 3.58
C THR A 287 -6.91 11.08 3.10
N ARG A 288 -7.58 10.26 2.29
CA ARG A 288 -8.88 10.61 1.74
C ARG A 288 -9.94 10.90 2.82
N SER A 289 -10.10 9.99 3.78
CA SER A 289 -11.12 10.20 4.79
C SER A 289 -10.72 11.37 5.68
N GLY A 290 -9.42 11.59 5.82
CA GLY A 290 -8.89 12.79 6.47
C GLY A 290 -9.45 14.07 5.87
N ARG A 291 -9.32 14.21 4.56
CA ARG A 291 -9.90 15.36 3.87
C ARG A 291 -11.42 15.44 4.03
N ASN A 292 -12.08 14.30 4.23
CA ASN A 292 -13.54 14.25 4.33
C ASN A 292 -14.07 14.44 5.75
N GLY A 293 -13.17 14.61 6.71
CA GLY A 293 -13.59 14.93 8.07
C GLY A 293 -13.51 13.77 9.05
N GLN A 294 -13.11 12.60 8.56
CA GLN A 294 -12.96 11.45 9.46
C GLN A 294 -11.57 11.40 10.07
N ALA A 295 -11.50 11.43 11.40
CA ALA A 295 -10.24 11.30 12.14
C ALA A 295 -10.18 9.96 12.88
N PHE A 296 -9.06 9.25 12.76
CA PHE A 296 -8.88 8.01 13.51
C PHE A 296 -8.43 8.27 14.95
N THR A 297 -9.04 7.55 15.88
CA THR A 297 -8.68 7.61 17.29
C THR A 297 -8.64 6.19 17.83
N TRP A 298 -8.04 5.98 18.99
CA TRP A 298 -7.99 4.65 19.59
C TRP A 298 -9.35 4.16 20.05
N ASP A 299 -10.31 5.09 20.10
CA ASP A 299 -11.69 4.75 20.46
C ASP A 299 -12.58 4.64 19.25
N GLY A 300 -11.96 4.45 18.09
CA GLY A 300 -12.70 4.38 16.84
C GLY A 300 -12.64 5.71 16.10
N PRO A 301 -13.12 5.74 14.86
CA PRO A 301 -13.06 6.97 14.08
C PRO A 301 -14.12 7.95 14.57
N ILE A 302 -13.90 9.23 14.31
CA ILE A 302 -14.91 10.25 14.61
C ILE A 302 -15.06 11.16 13.40
N ASN A 303 -16.25 11.72 13.21
CA ASN A 303 -16.37 12.76 12.19
C ASN A 303 -16.29 14.14 12.78
N ILE A 304 -15.18 14.80 12.51
CA ILE A 304 -14.87 16.07 13.11
C ILE A 304 -15.88 17.17 12.74
N ARG A 305 -16.61 17.01 11.64
CA ARG A 305 -17.61 18.01 11.29
C ARG A 305 -18.80 18.02 12.25
N ASN A 306 -18.97 16.92 12.99
CA ASN A 306 -20.17 16.76 13.82
C ASN A 306 -20.25 17.88 14.85
N ALA A 307 -21.46 18.35 15.11
CA ALA A 307 -21.67 19.49 15.99
C ALA A 307 -21.13 19.25 17.41
N ARG A 308 -21.13 18.00 17.86
CA ARG A 308 -20.61 17.69 19.19
C ARG A 308 -19.17 18.16 19.42
N PHE A 309 -18.42 18.44 18.34
CA PHE A 309 -17.02 18.85 18.47
C PHE A 309 -16.77 20.36 18.42
N SER A 310 -17.83 21.15 18.23
CA SER A 310 -17.67 22.60 18.01
C SER A 310 -16.95 23.35 19.13
N GLU A 311 -17.06 22.84 20.36
CA GLU A 311 -16.41 23.48 21.49
C GLU A 311 -15.54 22.51 22.26
N ASP A 312 -15.12 21.44 21.58
CA ASP A 312 -14.30 20.42 22.23
C ASP A 312 -12.82 20.83 22.17
N LEU A 313 -12.23 21.09 23.33
CA LEU A 313 -10.85 21.59 23.39
C LEU A 313 -9.80 20.48 23.37
N LYS A 314 -10.24 19.23 23.53
CA LYS A 314 -9.34 18.09 23.46
C LYS A 314 -8.74 17.95 22.07
N PRO A 315 -7.54 17.35 22.00
CA PRO A 315 -6.99 17.01 20.67
C PRO A 315 -7.81 15.92 19.99
N LEU A 316 -7.57 15.70 18.69
CA LEU A 316 -8.30 14.66 17.96
C LEU A 316 -8.29 13.34 18.70
N ASP A 317 -7.13 12.96 19.21
CA ASP A 317 -7.02 11.75 20.02
C ASP A 317 -6.14 12.04 21.23
N SER A 318 -6.55 11.49 22.37
CA SER A 318 -5.96 11.82 23.67
C SER A 318 -4.56 11.28 23.89
N GLU A 319 -4.17 10.26 23.13
CA GLU A 319 -2.87 9.64 23.34
C GLU A 319 -1.89 9.98 22.22
N CYS A 320 -2.45 10.36 21.08
CA CYS A 320 -1.67 10.55 19.86
C CYS A 320 -0.49 11.51 20.08
N HIS A 321 0.66 11.14 19.54
CA HIS A 321 1.88 11.93 19.75
C HIS A 321 2.13 12.91 18.62
N CYS A 322 1.23 12.94 17.64
CA CYS A 322 1.46 13.76 16.46
C CYS A 322 1.45 15.27 16.76
N ALA A 323 2.08 16.05 15.89
CA ALA A 323 2.17 17.49 16.08
C ALA A 323 0.79 18.15 16.10
N VAL A 324 -0.16 17.58 15.36
CA VAL A 324 -1.50 18.17 15.33
C VAL A 324 -2.16 18.07 16.70
N CYS A 325 -2.01 16.91 17.33
CA CYS A 325 -2.65 16.68 18.62
C CYS A 325 -1.89 17.37 19.75
N GLN A 326 -0.65 17.75 19.50
CA GLN A 326 0.12 18.50 20.47
C GLN A 326 -0.34 19.96 20.53
N LYS A 327 -0.94 20.46 19.45
CA LYS A 327 -1.15 21.90 19.34
C LYS A 327 -2.61 22.33 19.15
N TRP A 328 -3.36 21.62 18.32
CA TRP A 328 -4.70 22.08 17.96
C TRP A 328 -5.83 21.26 18.56
N SER A 329 -6.96 21.93 18.84
CA SER A 329 -8.11 21.29 19.44
C SER A 329 -9.04 20.75 18.37
N ARG A 330 -9.92 19.83 18.76
CA ARG A 330 -10.99 19.36 17.88
C ARG A 330 -11.84 20.52 17.40
N ALA A 331 -12.13 21.47 18.28
CA ALA A 331 -12.97 22.63 17.95
C ALA A 331 -12.41 23.42 16.79
N TYR A 332 -11.08 23.63 16.79
CA TYR A 332 -10.43 24.38 15.72
C TYR A 332 -10.50 23.63 14.41
N ILE A 333 -10.17 22.34 14.45
CA ILE A 333 -10.16 21.53 13.24
C ILE A 333 -11.59 21.37 12.70
N HIS A 334 -12.56 21.29 13.60
CA HIS A 334 -13.98 21.24 13.24
C HIS A 334 -14.33 22.50 12.44
N HIS A 335 -13.89 23.63 12.94
CA HIS A 335 -14.10 24.91 12.26
C HIS A 335 -13.47 24.94 10.85
N LEU A 336 -12.20 24.56 10.76
CA LEU A 336 -11.48 24.53 9.47
C LEU A 336 -12.18 23.64 8.44
N ILE A 337 -12.55 22.44 8.85
CA ILE A 337 -13.14 21.50 7.92
C ILE A 337 -14.50 22.00 7.44
N ARG A 338 -15.30 22.51 8.39
CA ARG A 338 -16.60 23.02 8.01
C ARG A 338 -16.50 24.28 7.15
N ALA A 339 -15.45 25.07 7.35
CA ALA A 339 -15.21 26.23 6.49
C ALA A 339 -14.52 25.89 5.15
N GLY A 340 -14.26 24.61 4.90
CA GLY A 340 -13.56 24.21 3.69
C GLY A 340 -12.12 24.70 3.56
N GLU A 341 -11.50 25.00 4.70
CA GLU A 341 -10.14 25.55 4.71
C GLU A 341 -9.09 24.49 4.47
N ILE A 342 -8.11 24.83 3.64
CA ILE A 342 -7.05 23.88 3.31
C ILE A 342 -6.30 23.37 4.54
N LEU A 343 -6.03 24.26 5.49
CA LEU A 343 -5.34 23.84 6.72
C LEU A 343 -6.10 22.70 7.42
N GLY A 344 -7.41 22.67 7.26
CA GLY A 344 -8.20 21.60 7.85
C GLY A 344 -7.79 20.26 7.28
N ALA A 345 -7.70 20.20 5.95
CA ALA A 345 -7.28 18.99 5.27
C ALA A 345 -5.86 18.63 5.68
N MET A 346 -4.98 19.62 5.79
CA MET A 346 -3.59 19.38 6.19
C MET A 346 -3.46 18.75 7.58
N LEU A 347 -4.17 19.31 8.54
CA LEU A 347 -4.08 18.81 9.92
C LEU A 347 -4.73 17.44 10.04
N MET A 348 -5.89 17.27 9.41
CA MET A 348 -6.58 15.99 9.50
C MET A 348 -5.71 14.89 8.89
N THR A 349 -5.08 15.19 7.77
CA THR A 349 -4.29 14.20 7.03
C THR A 349 -3.04 13.83 7.82
N GLU A 350 -2.38 14.83 8.40
CA GLU A 350 -1.17 14.58 9.19
C GLU A 350 -1.49 13.69 10.37
N HIS A 351 -2.55 14.01 11.10
CA HIS A 351 -2.94 13.19 12.23
C HIS A 351 -3.28 11.75 11.82
N ASN A 352 -4.07 11.57 10.76
CA ASN A 352 -4.47 10.23 10.35
C ASN A 352 -3.28 9.37 9.90
N ILE A 353 -2.38 9.95 9.12
CA ILE A 353 -1.17 9.22 8.73
C ILE A 353 -0.32 8.94 9.96
N ALA A 354 -0.21 9.90 10.87
CA ALA A 354 0.50 9.68 12.12
C ALA A 354 -0.14 8.55 12.95
N PHE A 355 -1.47 8.55 13.00
CA PHE A 355 -2.19 7.49 13.70
C PHE A 355 -1.88 6.13 13.10
N TYR A 356 -1.93 6.04 11.77
CA TYR A 356 -1.59 4.78 11.09
C TYR A 356 -0.16 4.30 11.44
N GLN A 357 0.80 5.23 11.42
CA GLN A 357 2.17 4.89 11.73
C GLN A 357 2.35 4.47 13.19
N GLN A 358 1.61 5.11 14.10
CA GLN A 358 1.65 4.71 15.49
C GLN A 358 1.03 3.32 15.67
N LEU A 359 0.00 3.02 14.89
CA LEU A 359 -0.58 1.68 14.90
C LEU A 359 0.47 0.67 14.44
N MET A 360 1.18 1.00 13.37
CA MET A 360 2.22 0.08 12.88
C MET A 360 3.31 -0.13 13.93
N GLN A 361 3.73 0.96 14.57
CA GLN A 361 4.73 0.89 15.64
C GLN A 361 4.30 -0.03 16.78
N LYS A 362 3.05 0.12 17.22
CA LYS A 362 2.55 -0.70 18.33
C LYS A 362 2.45 -2.16 17.91
N ILE A 363 2.06 -2.38 16.66
CA ILE A 363 2.08 -3.73 16.10
C ILE A 363 3.51 -4.30 16.13
N ARG A 364 4.48 -3.54 15.60
CA ARG A 364 5.88 -4.00 15.59
C ARG A 364 6.43 -4.27 17.00
N ASP A 365 6.25 -3.30 17.89
CA ASP A 365 6.66 -3.50 19.28
C ASP A 365 6.02 -4.71 19.92
N SER A 366 4.71 -4.88 19.76
CA SER A 366 4.03 -5.99 20.42
C SER A 366 4.49 -7.34 19.87
N ILE A 367 4.71 -7.45 18.56
CA ILE A 367 5.25 -8.69 18.01
C ILE A 367 6.65 -8.97 18.56
N SER A 368 7.51 -7.96 18.54
CA SER A 368 8.88 -8.09 19.03
CA SER A 368 8.88 -8.16 19.01
C SER A 368 8.90 -8.58 20.48
N GLU A 369 7.92 -8.12 21.25
CA GLU A 369 7.85 -8.43 22.66
C GLU A 369 6.98 -9.64 22.97
N GLY A 370 6.45 -10.28 21.93
CA GLY A 370 5.62 -11.47 22.07
C GLY A 370 4.30 -11.26 22.78
N ARG A 371 3.72 -10.08 22.59
CA ARG A 371 2.42 -9.75 23.21
C ARG A 371 1.47 -9.15 22.16
N PHE A 372 1.62 -9.56 20.91
CA PHE A 372 0.80 -9.02 19.83
C PHE A 372 -0.64 -9.49 19.90
N SER A 373 -0.83 -10.77 20.24
CA SER A 373 -2.16 -11.31 20.46
C SER A 373 -2.94 -10.47 21.46
N GLN A 374 -2.31 -10.17 22.59
CA GLN A 374 -2.95 -9.31 23.59
C GLN A 374 -3.19 -7.90 23.05
N PHE A 375 -2.25 -7.35 22.29
CA PHE A 375 -2.47 -6.03 21.70
C PHE A 375 -3.68 -6.01 20.81
N ALA A 376 -3.79 -7.00 19.94
CA ALA A 376 -4.91 -7.08 18.99
C ALA A 376 -6.22 -7.12 19.75
N GLN A 377 -6.25 -7.91 20.81
CA GLN A 377 -7.44 -8.02 21.63
C GLN A 377 -7.74 -6.68 22.30
N ASP A 378 -6.73 -6.07 22.91
CA ASP A 378 -6.91 -4.76 23.57
C ASP A 378 -7.32 -3.69 22.57
N PHE A 379 -6.70 -3.72 21.39
CA PHE A 379 -7.00 -2.73 20.37
C PHE A 379 -8.47 -2.82 19.95
N ARG A 380 -8.93 -4.03 19.66
CA ARG A 380 -10.29 -4.24 19.18
C ARG A 380 -11.34 -3.90 20.22
N ALA A 381 -11.11 -4.34 21.46
CA ALA A 381 -12.07 -4.07 22.54
C ALA A 381 -12.30 -2.58 22.73
N ARG A 382 -11.25 -1.79 22.57
CA ARG A 382 -11.39 -0.35 22.75
C ARG A 382 -11.88 0.37 21.49
N TYR A 383 -11.35 -0.03 20.34
CA TYR A 383 -11.68 0.60 19.07
C TYR A 383 -13.13 0.37 18.67
N PHE A 384 -13.69 -0.79 19.03
CA PHE A 384 -15.08 -1.08 18.69
C PHE A 384 -15.99 -1.05 19.91
N ALA A 385 -15.61 -0.28 20.92
CA ALA A 385 -16.43 -0.14 22.12
C ALA A 385 -17.66 0.69 21.82
ZN ZN B . -2.72 13.18 16.29
C1 GOL C . 11.74 14.11 3.53
O1 GOL C . 11.63 15.30 2.77
C2 GOL C . 12.78 13.18 2.93
O2 GOL C . 12.84 13.29 1.53
C3 GOL C . 12.48 11.75 3.34
O3 GOL C . 13.45 11.36 4.29
C1 GOL D . -4.14 2.17 22.93
O1 GOL D . -2.94 2.89 23.07
C2 GOL D . -3.88 0.84 22.24
O2 GOL D . -2.67 0.28 22.68
C3 GOL D . -5.01 -0.13 22.56
O3 GOL D . -6.27 0.46 22.25
N1 2WU E . -6.11 -1.95 -4.42
N3 2WU E . -7.08 -3.96 -4.26
C4 2WU E . -7.10 -2.66 -3.90
C5 2WU E . -8.19 -0.80 -2.71
C6 2WU E . -6.00 -4.12 -5.10
C7 2WU E . -5.53 -5.19 -5.84
C8 2WU E . -4.46 -5.02 -6.71
C10 2WU E . -2.47 -4.52 -8.56
C1 2WU E . -3.83 -3.77 -6.81
C2 2WU E . -4.30 -2.69 -6.03
C3 2WU E . -5.40 -2.86 -5.20
N2 2WU E . -8.07 -2.19 -3.13
C9 2WU E . -4.04 -6.10 -7.60
O1 2WU E . -4.50 -7.24 -7.57
N4 2WU E . -3.06 -5.75 -8.50
N5 2WU E . -1.57 -4.31 -9.51
N6 2WU E . -2.82 -3.54 -7.73
#